data_4P8I
#
_entry.id   4P8I
#
_cell.length_a   97.940
_cell.length_b   97.940
_cell.length_c   66.183
_cell.angle_alpha   90.00
_cell.angle_beta   90.00
_cell.angle_gamma   90.00
#
_symmetry.space_group_name_H-M   'P 41'
#
loop_
_entity.id
_entity.type
_entity.pdbx_description
1 polymer 'Protein-glutamine gamma-glutamyltransferase'
2 non-polymer 1,2-ETHANEDIOL
3 non-polymer 'TRIETHYLENE GLYCOL'
4 non-polymer DI(HYDROXYETHYL)ETHER
5 non-polymer GLYCEROL
6 water water
#
_entity_poly.entity_id   1
_entity_poly.type   'polypeptide(L)'
_entity_poly.pdbx_seq_one_letter_code
;MIIVSGQLLRPQDIENWQIDQDLNPLLKEMIETPVQFDYHSIAELMFELKLRMNIVAAAKTLHKSGAKFATFLKTYGNTT
YWRVSPEGALELKYRMPPSKAIRDIAENGPFYAFECATAIVIIYYLALIDTIGEDKFNASFDRIILYDWHYEKLPIYTET
GHHFFLGDCLYFKNPEFDPQKAQWRGENVILLGEDKYFAHGLGILNGKQIIDKLNSFRKKGALQSAYLLSQATRLDVPSL
FRIVRVDKLAAALEHHHHHH
;
_entity_poly.pdbx_strand_id   A,B
#
loop_
_chem_comp.id
_chem_comp.type
_chem_comp.name
_chem_comp.formula
EDO non-polymer 1,2-ETHANEDIOL 'C2 H6 O2'
GOL non-polymer GLYCEROL 'C3 H8 O3'
PEG non-polymer DI(HYDROXYETHYL)ETHER 'C4 H10 O3'
PGE non-polymer 'TRIETHYLENE GLYCOL' 'C6 H14 O4'
#
# COMPACT_ATOMS: atom_id res chain seq x y z
N MET A 1 19.32 16.93 -2.46
CA MET A 1 20.52 16.21 -2.93
C MET A 1 20.09 14.96 -3.70
N ILE A 2 20.39 14.92 -4.99
CA ILE A 2 20.10 13.76 -5.81
C ILE A 2 21.39 12.97 -6.10
N ILE A 3 21.36 11.68 -5.78
CA ILE A 3 22.44 10.77 -6.11
C ILE A 3 21.91 9.67 -7.02
N VAL A 4 22.51 9.55 -8.19
CA VAL A 4 22.06 8.58 -9.18
C VAL A 4 23.19 7.58 -9.45
N SER A 5 22.90 6.31 -9.18
CA SER A 5 23.87 5.22 -9.34
C SER A 5 25.18 5.47 -8.61
N GLY A 6 25.09 6.12 -7.46
CA GLY A 6 26.25 6.37 -6.61
C GLY A 6 27.01 7.62 -7.00
N GLN A 7 26.40 8.43 -7.86
CA GLN A 7 27.00 9.68 -8.30
C GLN A 7 26.10 10.86 -7.93
N LEU A 8 26.68 11.87 -7.32
CA LEU A 8 25.95 13.08 -6.99
C LEU A 8 25.55 13.82 -8.25
N LEU A 9 24.32 14.34 -8.26
CA LEU A 9 23.83 15.14 -9.35
C LEU A 9 23.83 16.60 -8.90
N ARG A 10 24.79 17.36 -9.37
CA ARG A 10 24.79 18.81 -9.17
C ARG A 10 24.32 19.44 -10.46
N PRO A 11 24.02 20.75 -10.46
CA PRO A 11 23.55 21.45 -11.66
C PRO A 11 24.28 21.10 -12.96
N GLN A 12 23.55 20.43 -13.85
CA GLN A 12 24.05 19.97 -15.13
C GLN A 12 22.95 20.06 -16.18
N ASN A 16 21.35 22.78 -18.61
CA ASN A 16 21.70 22.01 -19.80
C ASN A 16 20.56 21.12 -20.32
N TRP A 17 20.08 20.21 -19.46
CA TRP A 17 19.17 19.13 -19.86
C TRP A 17 17.99 19.57 -20.72
N GLN A 18 17.52 18.64 -21.56
CA GLN A 18 16.37 18.87 -22.43
C GLN A 18 15.11 18.22 -21.87
N ILE A 19 14.60 18.76 -20.76
CA ILE A 19 13.39 18.24 -20.13
C ILE A 19 12.28 19.28 -20.05
N ASP A 20 11.08 18.78 -19.78
CA ASP A 20 9.91 19.61 -19.61
C ASP A 20 10.16 20.67 -18.56
N GLN A 21 10.25 21.93 -19.02
CA GLN A 21 10.40 23.08 -18.14
C GLN A 21 9.59 22.94 -16.87
N ASP A 22 8.36 22.46 -17.01
CA ASP A 22 7.46 22.22 -15.87
C ASP A 22 8.10 21.45 -14.72
N LEU A 23 9.23 20.77 -15.00
CA LEU A 23 9.85 19.89 -14.00
C LEU A 23 11.05 20.53 -13.32
N ASN A 24 11.53 21.64 -13.85
CA ASN A 24 12.79 22.22 -13.40
C ASN A 24 12.75 22.78 -11.98
N PRO A 25 11.68 23.52 -11.62
CA PRO A 25 11.56 23.95 -10.23
C PRO A 25 11.72 22.80 -9.24
N LEU A 26 10.93 21.73 -9.41
CA LEU A 26 11.02 20.60 -8.51
C LEU A 26 12.41 19.97 -8.53
N LEU A 27 12.97 19.80 -9.71
CA LEU A 27 14.30 19.22 -9.87
C LEU A 27 15.30 20.05 -9.07
N LYS A 28 15.28 21.36 -9.28
CA LYS A 28 16.21 22.25 -8.59
C LYS A 28 15.98 22.16 -7.10
N GLU A 29 14.71 22.11 -6.70
CA GLU A 29 14.38 21.98 -5.29
C GLU A 29 14.95 20.68 -4.73
N MET A 30 14.86 19.59 -5.48
CA MET A 30 15.33 18.30 -4.99
C MET A 30 16.85 18.18 -5.00
N ILE A 31 17.52 19.02 -5.79
CA ILE A 31 18.98 18.99 -5.77
C ILE A 31 19.50 19.80 -4.57
N GLU A 32 18.93 20.98 -4.37
CA GLU A 32 19.45 21.93 -3.38
C GLU A 32 19.22 21.48 -1.93
N THR A 33 18.07 20.87 -1.67
CA THR A 33 17.67 20.47 -0.32
C THR A 33 18.70 19.57 0.33
N PRO A 34 18.81 19.64 1.68
CA PRO A 34 19.75 18.71 2.32
C PRO A 34 19.29 17.26 2.28
N VAL A 35 17.99 17.00 2.09
CA VAL A 35 17.51 15.63 2.08
C VAL A 35 18.01 14.91 0.82
N GLN A 36 18.12 13.59 0.92
CA GLN A 36 18.78 12.79 -0.09
C GLN A 36 17.79 11.96 -0.92
N PHE A 37 17.86 12.08 -2.24
CA PHE A 37 17.08 11.25 -3.16
C PHE A 37 17.99 10.32 -3.96
N ASP A 38 17.77 9.02 -3.84
CA ASP A 38 18.61 8.01 -4.48
C ASP A 38 17.84 7.31 -5.60
N TYR A 39 18.47 7.24 -6.78
CA TYR A 39 17.92 6.57 -7.95
C TYR A 39 18.94 5.61 -8.57
N HIS A 40 18.44 4.57 -9.24
CA HIS A 40 19.28 3.65 -9.99
C HIS A 40 19.49 4.12 -11.43
N SER A 41 18.75 5.13 -11.85
CA SER A 41 18.87 5.64 -13.23
C SER A 41 18.29 7.05 -13.37
N ILE A 42 18.62 7.71 -14.48
CA ILE A 42 18.04 9.00 -14.78
C ILE A 42 16.56 8.84 -15.05
N ALA A 43 16.22 7.83 -15.86
CA ALA A 43 14.83 7.46 -16.09
C ALA A 43 14.04 7.43 -14.78
N GLU A 44 14.67 6.91 -13.73
CA GLU A 44 13.94 6.72 -12.49
C GLU A 44 13.64 8.06 -11.81
N LEU A 45 14.62 8.97 -11.84
CA LEU A 45 14.41 10.34 -11.36
C LEU A 45 13.36 11.09 -12.19
N MET A 46 13.40 10.92 -13.50
CA MET A 46 12.44 11.58 -14.38
C MET A 46 11.02 11.18 -14.05
N PHE A 47 10.84 9.88 -13.78
CA PHE A 47 9.58 9.31 -13.35
C PHE A 47 9.11 10.00 -12.07
N GLU A 48 9.98 10.16 -11.08
CA GLU A 48 9.58 10.84 -9.86
C GLU A 48 9.16 12.29 -10.11
N LEU A 49 9.94 13.03 -10.89
CA LEU A 49 9.58 14.42 -11.19
C LEU A 49 8.20 14.48 -11.85
N LYS A 50 8.00 13.69 -12.89
CA LYS A 50 6.71 13.63 -13.57
C LYS A 50 5.57 13.19 -12.63
N LEU A 51 5.82 12.15 -11.84
CA LEU A 51 4.79 11.62 -10.94
C LEU A 51 4.37 12.71 -9.93
N ARG A 52 5.34 13.41 -9.36
CA ARG A 52 5.02 14.42 -8.36
C ARG A 52 4.24 15.60 -8.97
N MET A 53 4.66 16.06 -10.14
CA MET A 53 3.94 17.15 -10.79
C MET A 53 2.52 16.71 -11.21
N ASN A 54 2.36 15.43 -11.54
CA ASN A 54 1.06 14.86 -11.91
C ASN A 54 0.13 14.73 -10.68
N ILE A 55 0.72 14.53 -9.50
CA ILE A 55 0.01 14.53 -8.23
C ILE A 55 -0.56 15.94 -7.97
N VAL A 56 0.27 16.97 -8.18
CA VAL A 56 -0.15 18.34 -8.02
C VAL A 56 -1.28 18.67 -9.01
N ALA A 57 -1.08 18.31 -10.26
CA ALA A 57 -2.09 18.54 -11.28
C ALA A 57 -3.38 17.80 -10.95
N ALA A 58 -3.26 16.56 -10.49
CA ALA A 58 -4.42 15.76 -10.15
C ALA A 58 -5.20 16.33 -8.95
N ALA A 59 -4.50 16.83 -7.94
CA ALA A 59 -5.16 17.51 -6.82
C ALA A 59 -5.96 18.69 -7.34
N LYS A 60 -5.36 19.49 -8.21
CA LYS A 60 -6.03 20.64 -8.78
C LYS A 60 -7.23 20.23 -9.62
N THR A 61 -7.08 19.10 -10.30
CA THR A 61 -8.16 18.56 -11.14
C THR A 61 -9.34 18.15 -10.28
N LEU A 62 -9.05 17.50 -9.16
CA LEU A 62 -10.10 17.08 -8.25
C LEU A 62 -10.78 18.33 -7.67
N HIS A 63 -9.97 19.30 -7.27
CA HIS A 63 -10.47 20.56 -6.78
C HIS A 63 -11.51 21.19 -7.71
N LYS A 64 -11.23 21.20 -9.01
CA LYS A 64 -12.11 21.85 -9.95
C LYS A 64 -13.21 20.93 -10.51
N SER A 65 -13.15 19.64 -10.17
CA SER A 65 -14.08 18.66 -10.76
C SER A 65 -15.52 18.80 -10.35
N GLY A 66 -15.76 19.29 -9.14
CA GLY A 66 -17.11 19.36 -8.60
C GLY A 66 -17.39 18.20 -7.65
N ALA A 67 -16.47 17.25 -7.56
CA ALA A 67 -16.51 16.21 -6.53
C ALA A 67 -16.50 16.86 -5.12
N LYS A 68 -17.34 16.38 -4.24
CA LYS A 68 -17.57 17.02 -2.94
C LYS A 68 -17.03 16.18 -1.79
N PHE A 69 -16.98 16.78 -0.61
CA PHE A 69 -16.71 16.02 0.60
C PHE A 69 -17.99 15.34 1.06
N ALA A 70 -17.89 14.09 1.49
CA ALA A 70 -18.95 13.45 2.25
C ALA A 70 -18.32 12.48 3.23
N THR A 71 -18.97 12.27 4.37
CA THR A 71 -18.61 11.20 5.28
C THR A 71 -18.73 9.83 4.64
N PHE A 72 -18.20 8.80 5.27
CA PHE A 72 -18.35 7.49 4.68
C PHE A 72 -19.82 7.13 4.51
N LEU A 73 -20.65 7.44 5.50
CA LEU A 73 -22.04 6.98 5.36
C LEU A 73 -22.82 7.80 4.35
N LYS A 74 -22.24 8.89 3.86
CA LYS A 74 -22.92 9.75 2.90
C LYS A 74 -22.22 9.72 1.55
N THR A 75 -21.20 8.87 1.44
CA THR A 75 -20.41 8.79 0.23
C THR A 75 -21.23 8.24 -0.92
N TYR A 76 -21.10 8.86 -2.09
CA TYR A 76 -21.73 8.35 -3.31
C TYR A 76 -20.83 8.54 -4.54
N GLY A 77 -21.17 7.83 -5.63
CA GLY A 77 -20.41 7.94 -6.85
C GLY A 77 -21.26 7.70 -8.10
N ASN A 78 -20.64 7.84 -9.27
CA ASN A 78 -21.36 7.59 -10.53
C ASN A 78 -21.67 6.12 -10.65
N THR A 79 -22.96 5.80 -10.56
CA THR A 79 -23.37 4.42 -10.50
C THR A 79 -23.14 3.68 -11.83
N THR A 80 -22.79 4.42 -12.86
CA THR A 80 -22.36 3.73 -14.09
C THR A 80 -21.16 2.85 -13.81
N TYR A 81 -20.24 3.34 -12.96
CA TYR A 81 -18.95 2.68 -12.73
C TYR A 81 -18.75 2.07 -11.36
N TRP A 82 -19.45 2.64 -10.36
CA TRP A 82 -19.12 2.43 -8.93
C TRP A 82 -20.38 2.05 -8.16
N ARG A 83 -20.29 1.02 -7.33
CA ARG A 83 -21.35 0.75 -6.39
C ARG A 83 -20.85 1.25 -5.05
N VAL A 84 -21.78 1.64 -4.19
CA VAL A 84 -21.41 2.11 -2.84
C VAL A 84 -21.79 1.05 -1.81
N SER A 85 -20.80 0.55 -1.06
CA SER A 85 -21.08 -0.45 -0.03
C SER A 85 -21.83 0.17 1.14
N PRO A 86 -22.45 -0.66 1.97
CA PRO A 86 -23.16 -0.05 3.09
C PRO A 86 -22.24 0.81 3.98
N GLU A 87 -20.99 0.42 4.16
CA GLU A 87 -20.06 1.14 5.02
C GLU A 87 -19.54 2.41 4.35
N GLY A 88 -19.75 2.52 3.04
CA GLY A 88 -19.33 3.70 2.30
C GLY A 88 -18.16 3.53 1.32
N ALA A 89 -17.80 2.29 0.98
CA ALA A 89 -16.73 2.03 0.02
C ALA A 89 -17.24 2.21 -1.41
N LEU A 90 -16.46 2.82 -2.28
CA LEU A 90 -16.76 2.92 -3.69
C LEU A 90 -16.06 1.79 -4.42
N GLU A 91 -16.86 0.86 -4.91
CA GLU A 91 -16.42 -0.41 -5.46
C GLU A 91 -16.59 -0.37 -6.96
N LEU A 92 -15.49 -0.56 -7.67
CA LEU A 92 -15.52 -0.64 -9.14
C LEU A 92 -16.44 -1.79 -9.56
N LYS A 93 -17.46 -1.48 -10.36
CA LYS A 93 -18.34 -2.54 -10.84
C LYS A 93 -17.67 -3.54 -11.77
N TYR A 94 -18.18 -4.76 -11.70
CA TYR A 94 -17.68 -5.91 -12.46
C TYR A 94 -17.34 -5.54 -13.91
N ARG A 95 -16.09 -5.80 -14.30
CA ARG A 95 -15.59 -5.56 -15.69
C ARG A 95 -15.81 -4.11 -16.19
N MET A 96 -15.75 -3.11 -15.32
CA MET A 96 -15.62 -1.71 -15.76
C MET A 96 -14.14 -1.35 -15.90
N PRO A 97 -13.76 -0.66 -17.00
CA PRO A 97 -12.33 -0.36 -17.19
C PRO A 97 -11.78 0.53 -16.09
N PRO A 98 -10.73 0.11 -15.34
CA PRO A 98 -10.32 0.91 -14.17
C PRO A 98 -9.92 2.35 -14.49
N SER A 99 -9.06 2.56 -15.49
CA SER A 99 -8.62 3.91 -15.81
C SER A 99 -9.81 4.83 -16.10
N LYS A 100 -10.77 4.34 -16.86
CA LYS A 100 -11.92 5.14 -17.25
C LYS A 100 -12.85 5.46 -16.05
N ALA A 101 -13.07 4.49 -15.17
CA ALA A 101 -13.90 4.69 -13.99
C ALA A 101 -13.30 5.76 -13.06
N ILE A 102 -11.99 5.74 -12.94
CA ILE A 102 -11.25 6.64 -12.06
C ILE A 102 -11.23 8.04 -12.69
N ARG A 103 -10.95 8.12 -13.98
CA ARG A 103 -10.99 9.38 -14.73
C ARG A 103 -12.37 10.03 -14.70
N ASP A 104 -13.40 9.21 -14.51
CA ASP A 104 -14.77 9.75 -14.51
C ASP A 104 -14.96 10.64 -13.30
N ILE A 105 -14.16 10.43 -12.26
CA ILE A 105 -14.25 11.27 -11.06
C ILE A 105 -13.92 12.73 -11.41
N ALA A 106 -12.97 12.91 -12.32
CA ALA A 106 -12.57 14.23 -12.80
C ALA A 106 -13.57 14.77 -13.83
N GLU A 107 -14.18 13.87 -14.59
CA GLU A 107 -14.99 14.30 -15.72
C GLU A 107 -16.46 14.47 -15.35
N ASN A 108 -16.90 13.72 -14.34
CA ASN A 108 -18.26 13.82 -13.80
C ASN A 108 -18.24 14.04 -12.28
N GLY A 109 -17.37 14.93 -11.83
CA GLY A 109 -17.20 15.22 -10.42
C GLY A 109 -18.50 15.37 -9.63
N PRO A 110 -19.48 16.13 -10.15
CA PRO A 110 -20.68 16.35 -9.32
C PRO A 110 -21.42 15.05 -8.97
N PHE A 111 -21.08 13.92 -9.58
CA PHE A 111 -21.73 12.66 -9.23
C PHE A 111 -21.07 11.92 -8.10
N TYR A 112 -20.08 12.56 -7.47
CA TYR A 112 -19.27 11.91 -6.45
C TYR A 112 -19.16 12.75 -5.19
N ALA A 113 -19.08 12.09 -4.06
CA ALA A 113 -18.76 12.73 -2.79
C ALA A 113 -18.15 11.67 -1.91
N PHE A 114 -17.00 12.00 -1.31
CA PHE A 114 -16.24 11.01 -0.56
C PHE A 114 -15.31 11.75 0.43
N GLU A 115 -14.67 10.98 1.31
CA GLU A 115 -13.92 11.47 2.47
C GLU A 115 -12.46 11.86 2.06
N CYS A 116 -11.73 12.48 2.99
N CYS A 116 -11.70 12.50 2.95
CA CYS A 116 -10.41 13.05 2.68
CA CYS A 116 -10.45 13.11 2.50
C CYS A 116 -9.38 12.03 2.29
C CYS A 116 -9.30 12.10 2.35
N ALA A 117 -9.32 10.96 3.06
CA ALA A 117 -8.32 9.92 2.80
C ALA A 117 -8.61 9.29 1.41
N THR A 118 -9.87 9.00 1.17
CA THR A 118 -10.31 8.46 -0.12
C THR A 118 -9.88 9.38 -1.25
N ALA A 119 -9.98 10.69 -1.01
CA ALA A 119 -9.60 11.71 -1.98
C ALA A 119 -8.12 11.61 -2.33
N ILE A 120 -7.27 11.41 -1.31
CA ILE A 120 -5.83 11.31 -1.55
C ILE A 120 -5.51 10.11 -2.48
N VAL A 121 -6.13 8.98 -2.17
CA VAL A 121 -5.91 7.77 -2.94
C VAL A 121 -6.36 7.97 -4.36
N ILE A 122 -7.49 8.66 -4.56
CA ILE A 122 -7.98 8.97 -5.88
C ILE A 122 -7.00 9.84 -6.63
N ILE A 123 -6.42 10.81 -5.94
CA ILE A 123 -5.43 11.67 -6.57
C ILE A 123 -4.16 10.87 -7.02
N TYR A 124 -3.75 9.91 -6.20
CA TYR A 124 -2.62 9.05 -6.54
C TYR A 124 -2.96 8.20 -7.79
N TYR A 125 -4.17 7.65 -7.85
CA TYR A 125 -4.52 6.88 -9.04
C TYR A 125 -4.58 7.77 -10.27
N LEU A 126 -5.23 8.94 -10.17
CA LEU A 126 -5.28 9.87 -11.31
C LEU A 126 -3.88 10.25 -11.81
N ALA A 127 -2.98 10.52 -10.87
CA ALA A 127 -1.62 10.90 -11.22
C ALA A 127 -0.86 9.75 -11.87
N LEU A 128 -1.06 8.56 -11.33
CA LEU A 128 -0.42 7.38 -11.87
C LEU A 128 -0.87 7.10 -13.30
N ILE A 129 -2.18 7.20 -13.54
CA ILE A 129 -2.68 7.00 -14.89
C ILE A 129 -1.99 7.99 -15.82
N ASP A 130 -1.84 9.22 -15.36
CA ASP A 130 -1.18 10.24 -16.17
C ASP A 130 0.28 9.92 -16.36
N THR A 131 0.89 9.28 -15.38
CA THR A 131 2.32 8.99 -15.45
C THR A 131 2.66 7.72 -16.25
N ILE A 132 1.91 6.63 -16.07
CA ILE A 132 2.31 5.36 -16.68
C ILE A 132 1.42 5.00 -17.86
N GLY A 133 0.28 5.68 -17.99
CA GLY A 133 -0.60 5.51 -19.16
C GLY A 133 -1.69 4.50 -18.88
N GLU A 134 -2.79 4.50 -19.65
CA GLU A 134 -3.95 3.68 -19.27
C GLU A 134 -3.66 2.18 -19.41
N ASP A 135 -2.87 1.82 -20.42
CA ASP A 135 -2.58 0.41 -20.69
C ASP A 135 -1.84 -0.22 -19.48
N LYS A 136 -0.74 0.39 -19.06
CA LYS A 136 -0.05 -0.12 -17.87
C LYS A 136 -0.88 -0.05 -16.61
N PHE A 137 -1.66 1.02 -16.44
CA PHE A 137 -2.53 1.13 -15.29
C PHE A 137 -3.51 -0.01 -15.26
N ASN A 138 -4.16 -0.27 -16.39
CA ASN A 138 -5.23 -1.23 -16.36
C ASN A 138 -4.67 -2.64 -16.20
N ALA A 139 -3.44 -2.87 -16.69
CA ALA A 139 -2.80 -4.16 -16.58
C ALA A 139 -2.44 -4.46 -15.13
N SER A 140 -2.06 -3.43 -14.37
CA SER A 140 -1.62 -3.61 -13.01
C SER A 140 -2.70 -3.43 -11.95
N PHE A 141 -3.49 -2.40 -12.13
CA PHE A 141 -4.44 -1.99 -11.13
C PHE A 141 -5.83 -2.33 -11.65
N ASP A 142 -6.12 -3.62 -11.70
CA ASP A 142 -7.24 -4.13 -12.49
C ASP A 142 -8.50 -4.30 -11.63
N ARG A 143 -8.37 -4.18 -10.33
CA ARG A 143 -9.45 -4.24 -9.35
C ARG A 143 -9.31 -3.08 -8.42
N ILE A 144 -10.41 -2.35 -8.19
CA ILE A 144 -10.31 -1.11 -7.43
C ILE A 144 -11.49 -0.90 -6.46
N ILE A 145 -11.16 -0.61 -5.21
CA ILE A 145 -12.14 -0.14 -4.23
C ILE A 145 -11.54 1.11 -3.56
N LEU A 146 -12.28 2.23 -3.67
CA LEU A 146 -11.92 3.50 -3.04
C LEU A 146 -12.59 3.64 -1.69
N TYR A 147 -11.79 3.64 -0.63
CA TYR A 147 -12.32 3.54 0.72
C TYR A 147 -11.22 3.79 1.72
N ASP A 148 -11.22 4.99 2.31
CA ASP A 148 -10.27 5.38 3.35
C ASP A 148 -8.86 5.21 2.73
N TRP A 149 -7.94 4.58 3.45
CA TRP A 149 -6.57 4.34 2.96
C TRP A 149 -6.40 2.96 2.33
N HIS A 150 -7.43 2.46 1.66
CA HIS A 150 -7.27 1.25 0.85
C HIS A 150 -6.59 1.54 -0.47
N TYR A 151 -5.59 0.69 -0.73
CA TYR A 151 -4.75 0.71 -1.92
C TYR A 151 -4.78 -0.63 -2.60
N GLU A 152 -4.86 -0.62 -3.93
CA GLU A 152 -4.61 -1.81 -4.75
C GLU A 152 -3.14 -1.73 -5.19
N LYS A 153 -2.30 -2.51 -4.53
CA LYS A 153 -0.88 -2.56 -4.89
C LYS A 153 -0.05 -1.26 -4.79
N LEU A 154 -0.62 -0.13 -4.38
CA LEU A 154 0.19 1.06 -4.26
C LEU A 154 1.24 0.96 -3.15
N PRO A 155 2.49 1.37 -3.44
CA PRO A 155 3.54 1.37 -2.41
C PRO A 155 3.65 2.75 -1.82
N ILE A 156 3.02 2.92 -0.65
CA ILE A 156 2.86 4.22 -0.01
C ILE A 156 3.42 4.08 1.39
N TYR A 157 4.18 5.09 1.80
CA TYR A 157 4.72 5.09 3.14
C TYR A 157 4.70 6.49 3.72
N THR A 158 4.84 6.56 5.05
CA THR A 158 4.85 7.83 5.78
C THR A 158 6.11 7.87 6.60
N GLU A 159 6.89 8.94 6.41
CA GLU A 159 8.12 9.15 7.16
C GLU A 159 8.14 10.47 7.96
N THR A 160 8.78 10.46 9.11
CA THR A 160 9.02 11.70 9.87
C THR A 160 9.97 12.62 9.12
N GLY A 161 9.61 13.91 9.08
CA GLY A 161 10.54 14.93 8.61
C GLY A 161 9.81 16.25 8.45
N HIS A 162 10.55 17.31 8.15
CA HIS A 162 9.95 18.63 8.02
C HIS A 162 10.35 19.31 6.72
N HIS A 163 11.11 18.59 5.87
CA HIS A 163 11.40 19.04 4.50
C HIS A 163 10.42 18.38 3.53
N PHE A 164 9.56 19.20 2.93
CA PHE A 164 8.47 18.71 2.08
C PHE A 164 8.69 19.22 0.69
N PHE A 165 8.05 18.54 -0.26
CA PHE A 165 8.21 18.77 -1.68
C PHE A 165 6.88 18.60 -2.39
N LEU A 166 6.75 19.30 -3.51
CA LEU A 166 5.55 19.23 -4.35
C LEU A 166 5.05 17.79 -4.50
N GLY A 167 3.78 17.60 -4.16
CA GLY A 167 3.12 16.31 -4.30
C GLY A 167 3.10 15.49 -3.05
N ASP A 168 3.83 15.93 -2.03
CA ASP A 168 3.74 15.31 -0.72
C ASP A 168 2.32 15.37 -0.18
N CYS A 169 1.94 14.30 0.50
CA CYS A 169 0.73 14.25 1.27
C CYS A 169 1.08 14.51 2.75
N LEU A 170 0.51 15.58 3.28
CA LEU A 170 0.78 16.04 4.64
C LEU A 170 -0.50 15.99 5.45
N TYR A 171 -0.35 16.25 6.74
CA TYR A 171 -1.46 16.15 7.67
C TYR A 171 -1.44 17.27 8.69
N PHE A 172 -2.50 18.07 8.68
CA PHE A 172 -2.85 19.00 9.75
C PHE A 172 -3.68 18.27 10.79
N LYS A 173 -3.11 18.12 11.99
CA LYS A 173 -3.80 17.48 13.10
C LYS A 173 -4.49 18.47 14.02
N ASN A 174 -5.64 18.07 14.52
CA ASN A 174 -6.46 18.88 15.43
C ASN A 174 -6.64 18.05 16.69
N PRO A 175 -5.64 18.10 17.57
CA PRO A 175 -5.60 17.17 18.72
C PRO A 175 -6.81 17.26 19.63
N GLU A 176 -7.33 18.47 19.81
CA GLU A 176 -8.46 18.66 20.70
C GLU A 176 -9.74 19.00 19.94
N PHE A 177 -9.91 18.34 18.78
CA PHE A 177 -11.11 18.50 17.98
C PHE A 177 -12.34 18.18 18.83
N ASP A 178 -13.44 18.85 18.52
CA ASP A 178 -14.72 18.57 19.18
C ASP A 178 -15.11 17.10 19.00
N PRO A 179 -15.22 16.34 20.10
CA PRO A 179 -15.57 14.92 19.94
C PRO A 179 -16.89 14.72 19.19
N GLN A 180 -17.78 15.69 19.25
CA GLN A 180 -19.09 15.57 18.60
C GLN A 180 -19.01 15.90 17.10
N LYS A 181 -17.85 16.38 16.62
CA LYS A 181 -17.67 16.65 15.20
C LYS A 181 -16.39 15.99 14.71
N ALA A 182 -16.44 14.67 14.63
CA ALA A 182 -15.25 13.86 14.42
C ALA A 182 -14.56 14.08 13.07
N GLN A 183 -15.28 14.63 12.10
CA GLN A 183 -14.69 14.89 10.77
C GLN A 183 -13.57 15.94 10.84
N TRP A 184 -13.50 16.66 11.95
CA TRP A 184 -12.54 17.74 12.10
C TRP A 184 -11.34 17.30 12.91
N ARG A 185 -11.14 15.99 13.01
CA ARG A 185 -9.97 15.40 13.68
C ARG A 185 -8.65 15.91 13.10
N GLY A 186 -8.68 16.30 11.83
CA GLY A 186 -7.49 16.69 11.10
C GLY A 186 -7.81 16.77 9.61
N GLU A 187 -6.83 17.15 8.80
CA GLU A 187 -7.03 17.31 7.35
C GLU A 187 -5.81 16.79 6.58
N ASN A 188 -6.01 15.76 5.76
CA ASN A 188 -4.98 15.31 4.78
C ASN A 188 -4.91 16.30 3.64
N VAL A 189 -3.71 16.70 3.25
CA VAL A 189 -3.53 17.65 2.17
C VAL A 189 -2.45 17.22 1.19
N ILE A 190 -2.53 17.76 -0.03
CA ILE A 190 -1.42 17.69 -0.98
C ILE A 190 -0.76 19.06 -1.07
N LEU A 191 0.56 19.04 -1.01
CA LEU A 191 1.38 20.25 -1.15
C LEU A 191 1.45 20.63 -2.63
N LEU A 192 0.94 21.81 -2.95
CA LEU A 192 0.87 22.32 -4.32
C LEU A 192 1.93 23.42 -4.55
N GLY A 193 2.46 23.94 -3.46
CA GLY A 193 3.48 24.98 -3.52
C GLY A 193 3.78 25.47 -2.11
N GLU A 194 4.69 26.45 -1.97
CA GLU A 194 5.02 27.02 -0.67
C GLU A 194 3.74 27.46 0.09
N ASP A 195 3.48 26.83 1.22
CA ASP A 195 2.32 27.16 2.03
C ASP A 195 1.03 27.17 1.21
N LYS A 196 0.89 26.18 0.32
CA LYS A 196 -0.28 26.12 -0.55
C LYS A 196 -0.72 24.67 -0.66
N TYR A 197 -1.94 24.40 -0.22
CA TYR A 197 -2.41 23.05 0.00
C TYR A 197 -3.74 22.79 -0.65
N PHE A 198 -3.88 21.59 -1.19
CA PHE A 198 -5.20 21.08 -1.52
C PHE A 198 -5.76 20.34 -0.33
N ALA A 199 -6.94 20.79 0.10
CA ALA A 199 -7.63 20.23 1.25
C ALA A 199 -9.03 19.85 0.85
N HIS A 200 -9.28 18.56 0.63
CA HIS A 200 -10.56 18.11 0.13
C HIS A 200 -11.63 18.58 1.09
N GLY A 201 -12.62 19.24 0.52
CA GLY A 201 -13.73 19.77 1.29
C GLY A 201 -13.51 21.19 1.79
N LEU A 202 -12.29 21.73 1.68
CA LEU A 202 -12.01 23.10 2.12
C LEU A 202 -11.55 23.97 0.98
N GLY A 203 -10.78 23.38 0.07
CA GLY A 203 -10.36 24.05 -1.14
C GLY A 203 -8.84 24.13 -1.20
N ILE A 204 -8.34 25.15 -1.88
CA ILE A 204 -6.90 25.40 -1.90
C ILE A 204 -6.62 26.58 -0.96
N LEU A 205 -5.98 26.26 0.17
CA LEU A 205 -5.78 27.14 1.30
C LEU A 205 -4.30 27.16 1.73
N ASN A 206 -3.90 28.19 2.48
CA ASN A 206 -2.59 28.16 3.13
C ASN A 206 -2.70 27.49 4.50
N GLY A 207 -1.57 27.35 5.20
CA GLY A 207 -1.56 26.63 6.46
C GLY A 207 -2.39 27.31 7.53
N LYS A 208 -2.26 28.64 7.59
CA LYS A 208 -2.97 29.44 8.58
C LYS A 208 -4.48 29.21 8.41
N GLN A 209 -4.96 29.24 7.16
CA GLN A 209 -6.39 29.11 6.92
C GLN A 209 -6.90 27.74 7.38
N ILE A 210 -6.12 26.69 7.13
CA ILE A 210 -6.51 25.37 7.55
C ILE A 210 -6.50 25.22 9.06
N ILE A 211 -5.44 25.69 9.72
CA ILE A 211 -5.36 25.63 11.17
C ILE A 211 -6.50 26.41 11.85
N ASP A 212 -6.74 27.63 11.38
CA ASP A 212 -7.84 28.44 11.86
C ASP A 212 -9.19 27.75 11.67
N LYS A 213 -9.40 27.12 10.52
CA LYS A 213 -10.64 26.42 10.28
C LYS A 213 -10.79 25.27 11.27
N LEU A 214 -9.78 24.44 11.36
CA LEU A 214 -9.75 23.35 12.34
C LEU A 214 -9.98 23.85 13.76
N ASN A 215 -9.28 24.92 14.11
CA ASN A 215 -9.35 25.42 15.48
C ASN A 215 -10.74 25.88 15.88
N SER A 216 -11.61 26.09 14.88
CA SER A 216 -12.96 26.57 15.17
C SER A 216 -13.89 25.39 15.45
N PHE A 217 -13.38 24.16 15.30
CA PHE A 217 -14.13 22.96 15.64
C PHE A 217 -13.42 22.17 16.73
N ARG A 218 -13.00 22.86 17.79
CA ARG A 218 -12.34 22.22 18.93
C ARG A 218 -13.28 22.16 20.12
N LYS A 219 -12.97 21.27 21.05
CA LYS A 219 -13.68 21.27 22.31
C LYS A 219 -13.62 22.63 23.02
N LYS A 220 -14.59 22.80 23.89
CA LYS A 220 -14.63 23.93 24.81
C LYS A 220 -13.30 24.12 25.54
N GLY A 221 -12.76 25.34 25.47
CA GLY A 221 -11.54 25.70 26.19
C GLY A 221 -10.23 25.10 25.70
N ALA A 222 -10.24 24.54 24.48
CA ALA A 222 -9.05 23.90 23.93
C ALA A 222 -7.84 24.83 23.94
N LEU A 223 -6.72 24.32 24.46
CA LEU A 223 -5.45 25.07 24.52
C LEU A 223 -4.42 24.46 23.54
N GLN A 224 -4.76 23.36 22.90
CA GLN A 224 -3.92 22.85 21.80
C GLN A 224 -4.43 23.28 20.45
N SER A 225 -3.60 24.01 19.71
CA SER A 225 -3.93 24.40 18.35
C SER A 225 -3.76 23.22 17.40
N ALA A 226 -4.58 23.21 16.37
CA ALA A 226 -4.32 22.36 15.21
C ALA A 226 -2.95 22.75 14.70
N TYR A 227 -2.22 21.78 14.15
CA TYR A 227 -0.86 22.06 13.68
C TYR A 227 -0.44 21.08 12.59
N LEU A 228 0.61 21.47 11.86
CA LEU A 228 1.13 20.63 10.74
C LEU A 228 2.09 19.61 11.30
N LEU A 229 1.81 18.33 11.09
CA LEU A 229 2.69 17.26 11.55
C LEU A 229 4.02 17.26 10.79
N SER A 230 5.06 16.82 11.47
CA SER A 230 6.36 16.67 10.85
C SER A 230 6.43 15.29 10.18
N GLN A 231 5.65 15.12 9.13
CA GLN A 231 5.65 13.84 8.41
C GLN A 231 5.20 14.08 6.99
N ALA A 232 5.59 13.18 6.09
CA ALA A 232 5.14 13.23 4.70
C ALA A 232 4.77 11.84 4.26
N THR A 233 3.64 11.74 3.55
CA THR A 233 3.18 10.50 2.95
C THR A 233 3.54 10.56 1.47
N ARG A 234 4.13 9.47 0.97
CA ARG A 234 4.80 9.45 -0.32
C ARG A 234 4.64 8.10 -1.00
N LEU A 235 4.55 8.15 -2.32
CA LEU A 235 4.75 6.97 -3.16
C LEU A 235 6.23 6.60 -3.30
N ASP A 236 6.51 5.30 -3.17
CA ASP A 236 7.82 4.72 -3.37
C ASP A 236 8.11 4.61 -4.86
N VAL A 237 9.04 5.41 -5.33
CA VAL A 237 9.28 5.49 -6.77
C VAL A 237 9.89 4.20 -7.34
N PRO A 238 10.89 3.64 -6.66
CA PRO A 238 11.48 2.41 -7.21
C PRO A 238 10.49 1.26 -7.38
N SER A 239 9.58 1.09 -6.43
CA SER A 239 8.49 0.11 -6.55
C SER A 239 7.62 0.37 -7.75
N LEU A 240 7.24 1.62 -7.95
CA LEU A 240 6.41 1.99 -9.11
C LEU A 240 7.14 1.95 -10.41
N PHE A 241 8.38 2.40 -10.40
CA PHE A 241 9.16 2.48 -11.62
C PHE A 241 9.38 1.10 -12.20
N ARG A 242 9.27 0.07 -11.35
CA ARG A 242 9.37 -1.31 -11.82
C ARG A 242 8.45 -1.54 -12.99
N ILE A 243 7.28 -0.92 -12.88
CA ILE A 243 6.16 -1.06 -13.84
C ILE A 243 6.56 -0.65 -15.27
N VAL A 244 7.19 0.51 -15.42
CA VAL A 244 7.41 1.13 -16.73
C VAL A 244 8.72 0.66 -17.38
N ARG A 245 9.59 0.05 -16.60
CA ARG A 245 10.88 -0.42 -17.10
C ARG A 245 11.23 -1.78 -16.52
N MET B 1 22.95 -7.22 5.25
CA MET B 1 23.69 -6.11 5.89
C MET B 1 22.71 -5.27 6.70
N ILE B 2 22.93 -5.18 8.01
CA ILE B 2 22.04 -4.47 8.92
C ILE B 2 22.73 -3.22 9.44
N ILE B 3 22.05 -2.10 9.31
CA ILE B 3 22.54 -0.83 9.80
C ILE B 3 21.51 -0.22 10.74
N VAL B 4 21.92 -0.06 11.99
CA VAL B 4 21.09 0.54 13.04
C VAL B 4 21.66 1.91 13.37
N SER B 5 20.81 2.93 13.36
CA SER B 5 21.27 4.31 13.28
C SER B 5 22.19 4.41 12.07
N GLY B 6 23.50 4.49 12.30
CA GLY B 6 24.46 4.48 11.21
C GLY B 6 25.56 3.46 11.44
N GLN B 7 25.43 2.68 12.51
CA GLN B 7 26.38 1.65 12.86
C GLN B 7 26.03 0.32 12.18
N LEU B 8 26.97 -0.22 11.43
CA LEU B 8 26.85 -1.57 10.89
C LEU B 8 26.84 -2.60 12.01
N LEU B 9 25.82 -3.44 12.02
CA LEU B 9 25.71 -4.53 12.98
C LEU B 9 26.49 -5.73 12.49
N ARG B 10 27.56 -6.08 13.20
CA ARG B 10 28.30 -7.30 12.93
C ARG B 10 27.94 -8.31 14.00
N PRO B 11 28.30 -9.59 13.81
CA PRO B 11 28.24 -10.59 14.89
C PRO B 11 28.56 -10.02 16.28
N GLN B 12 27.59 -9.30 16.84
CA GLN B 12 27.67 -8.70 18.17
C GLN B 12 26.55 -9.25 19.06
N ASN B 16 25.61 -13.80 22.36
CA ASN B 16 25.72 -12.44 22.87
C ASN B 16 24.36 -11.78 23.20
N TRP B 17 23.43 -11.83 22.24
CA TRP B 17 22.06 -11.31 22.42
C TRP B 17 21.12 -12.38 22.97
N GLN B 18 20.16 -11.97 23.79
CA GLN B 18 19.22 -12.91 24.40
C GLN B 18 17.84 -12.75 23.78
N ILE B 19 17.69 -13.25 22.55
CA ILE B 19 16.43 -13.16 21.83
C ILE B 19 15.86 -14.53 21.48
N ASP B 20 14.58 -14.55 21.12
CA ASP B 20 13.87 -15.76 20.73
C ASP B 20 14.64 -16.54 19.66
N GLN B 21 14.90 -17.82 19.94
CA GLN B 21 15.65 -18.70 19.04
C GLN B 21 15.13 -18.76 17.61
N ASP B 22 13.81 -18.83 17.44
CA ASP B 22 13.25 -19.02 16.11
C ASP B 22 13.52 -17.80 15.24
N LEU B 23 14.00 -16.71 15.85
CA LEU B 23 14.45 -15.52 15.11
C LEU B 23 15.89 -15.58 14.57
N ASN B 24 16.67 -16.53 15.07
CA ASN B 24 18.09 -16.52 14.74
C ASN B 24 18.37 -16.77 13.25
N PRO B 25 17.72 -17.78 12.64
CA PRO B 25 17.94 -18.01 11.22
C PRO B 25 17.72 -16.78 10.33
N LEU B 26 16.63 -16.05 10.54
CA LEU B 26 16.35 -14.87 9.75
C LEU B 26 17.42 -13.80 9.99
N LEU B 27 17.76 -13.59 11.24
CA LEU B 27 18.70 -12.56 11.59
C LEU B 27 20.05 -12.86 10.93
N LYS B 28 20.43 -14.15 10.89
CA LYS B 28 21.65 -14.58 10.21
C LYS B 28 21.62 -14.22 8.73
N GLU B 29 20.52 -14.55 8.05
CA GLU B 29 20.28 -14.12 6.68
C GLU B 29 20.50 -12.62 6.53
N MET B 30 19.88 -11.82 7.40
CA MET B 30 19.90 -10.38 7.23
C MET B 30 21.24 -9.74 7.51
N ILE B 31 22.00 -10.36 8.41
CA ILE B 31 23.38 -9.91 8.64
C ILE B 31 24.33 -10.25 7.48
N GLU B 32 24.22 -11.48 6.96
CA GLU B 32 25.17 -11.99 5.99
C GLU B 32 24.91 -11.51 4.57
N THR B 33 23.68 -11.08 4.29
CA THR B 33 23.31 -10.70 2.93
C THR B 33 23.98 -9.40 2.49
N PRO B 34 24.23 -9.26 1.17
CA PRO B 34 24.65 -7.95 0.64
C PRO B 34 23.53 -6.90 0.72
N VAL B 35 22.30 -7.34 0.81
CA VAL B 35 21.16 -6.39 0.85
C VAL B 35 21.22 -5.58 2.14
N GLN B 36 21.01 -4.27 2.01
CA GLN B 36 21.01 -3.37 3.16
C GLN B 36 19.66 -3.26 3.86
N PHE B 37 19.65 -3.46 5.17
CA PHE B 37 18.50 -3.17 6.01
C PHE B 37 18.88 -2.01 6.92
N ASP B 38 18.15 -0.91 6.81
CA ASP B 38 18.38 0.26 7.67
C ASP B 38 17.27 0.44 8.73
N TYR B 39 17.70 0.66 9.96
CA TYR B 39 16.78 0.88 11.08
C TYR B 39 17.26 2.07 11.91
N HIS B 40 16.31 2.76 12.54
CA HIS B 40 16.58 3.86 13.47
C HIS B 40 17.04 3.32 14.80
N SER B 41 16.69 2.06 15.06
CA SER B 41 16.87 1.48 16.37
C SER B 41 16.78 -0.02 16.34
N ILE B 42 17.20 -0.62 17.45
CA ILE B 42 17.15 -2.06 17.65
C ILE B 42 15.72 -2.55 17.74
N ALA B 43 14.87 -1.73 18.37
CA ALA B 43 13.47 -2.08 18.52
C ALA B 43 12.84 -2.29 17.15
N GLU B 44 13.23 -1.45 16.18
CA GLU B 44 12.72 -1.61 14.81
C GLU B 44 13.15 -2.92 14.19
N LEU B 45 14.44 -3.22 14.35
CA LEU B 45 14.98 -4.48 13.86
C LEU B 45 14.26 -5.66 14.48
N MET B 46 14.07 -5.61 15.78
CA MET B 46 13.35 -6.64 16.52
C MET B 46 11.91 -6.76 15.98
N PHE B 47 11.31 -5.63 15.62
CA PHE B 47 9.95 -5.65 15.07
C PHE B 47 9.92 -6.40 13.73
N GLU B 48 10.92 -6.16 12.88
CA GLU B 48 11.00 -6.82 11.60
C GLU B 48 11.14 -8.33 11.78
N LEU B 49 11.99 -8.73 12.73
CA LEU B 49 12.30 -10.13 12.96
C LEU B 49 11.03 -10.85 13.40
N LYS B 50 10.36 -10.27 14.37
CA LYS B 50 9.14 -10.88 14.90
C LYS B 50 8.02 -10.87 13.86
N LEU B 51 7.85 -9.74 13.17
CA LEU B 51 6.79 -9.60 12.16
C LEU B 51 7.02 -10.63 11.06
N ARG B 52 8.27 -10.78 10.62
CA ARG B 52 8.56 -11.69 9.53
C ARG B 52 8.32 -13.14 9.94
N MET B 53 8.71 -13.52 11.15
CA MET B 53 8.51 -14.92 11.55
C MET B 53 6.99 -15.14 11.84
N ASN B 54 6.29 -14.06 12.17
CA ASN B 54 4.85 -14.15 12.42
C ASN B 54 4.09 -14.30 11.10
N ILE B 55 4.67 -13.74 10.02
CA ILE B 55 4.16 -13.94 8.67
C ILE B 55 4.29 -15.43 8.32
N VAL B 56 5.43 -16.02 8.66
CA VAL B 56 5.63 -17.44 8.41
C VAL B 56 4.60 -18.25 9.21
N ALA B 57 4.42 -17.91 10.48
CA ALA B 57 3.53 -18.68 11.33
C ALA B 57 2.07 -18.53 10.87
N ALA B 58 1.74 -17.35 10.39
CA ALA B 58 0.38 -17.04 10.00
C ALA B 58 0.05 -17.77 8.69
N ALA B 59 1.01 -17.88 7.79
CA ALA B 59 0.82 -18.64 6.57
C ALA B 59 0.52 -20.09 6.92
N LYS B 60 1.28 -20.67 7.83
CA LYS B 60 1.01 -22.02 8.30
C LYS B 60 -0.39 -22.09 8.96
N THR B 61 -0.76 -21.06 9.72
CA THR B 61 -2.07 -21.05 10.35
C THR B 61 -3.19 -21.05 9.31
N LEU B 62 -3.03 -20.23 8.28
CA LEU B 62 -4.03 -20.16 7.23
C LEU B 62 -4.09 -21.51 6.53
N HIS B 63 -2.93 -22.08 6.26
CA HIS B 63 -2.87 -23.35 5.58
C HIS B 63 -3.70 -24.39 6.32
N LYS B 64 -3.56 -24.41 7.64
CA LYS B 64 -4.17 -25.41 8.48
C LYS B 64 -5.64 -25.09 8.76
N SER B 65 -6.07 -23.85 8.49
CA SER B 65 -7.35 -23.32 8.98
C SER B 65 -8.58 -24.00 8.41
N GLY B 66 -8.43 -24.49 7.19
CA GLY B 66 -9.58 -25.01 6.47
C GLY B 66 -10.19 -23.98 5.54
N ALA B 67 -9.68 -22.76 5.53
CA ALA B 67 -10.14 -21.80 4.53
C ALA B 67 -9.75 -22.35 3.16
N LYS B 68 -10.59 -22.11 2.16
CA LYS B 68 -10.43 -22.72 0.84
C LYS B 68 -10.04 -21.69 -0.22
N PHE B 69 -9.59 -22.19 -1.37
CA PHE B 69 -9.45 -21.37 -2.56
C PHE B 69 -10.81 -21.23 -3.29
N ALA B 70 -11.14 -20.02 -3.68
CA ALA B 70 -12.24 -19.75 -4.61
C ALA B 70 -11.87 -18.57 -5.51
N THR B 71 -12.38 -18.57 -6.73
CA THR B 71 -12.25 -17.41 -7.61
C THR B 71 -12.97 -16.23 -7.00
N PHE B 72 -12.79 -15.03 -7.55
CA PHE B 72 -13.45 -13.88 -6.94
C PHE B 72 -14.96 -14.04 -6.95
N LEU B 73 -15.52 -14.52 -8.04
CA LEU B 73 -16.98 -14.57 -8.10
C LEU B 73 -17.55 -15.70 -7.22
N LYS B 74 -16.70 -16.56 -6.69
CA LYS B 74 -17.13 -17.68 -5.83
C LYS B 74 -16.68 -17.50 -4.37
N THR B 75 -16.16 -16.33 -4.10
CA THR B 75 -15.63 -16.00 -2.78
C THR B 75 -16.75 -15.93 -1.73
N TYR B 76 -16.48 -16.51 -0.56
CA TYR B 76 -17.43 -16.39 0.57
C TYR B 76 -16.72 -16.29 1.94
N GLY B 77 -17.45 -15.83 2.95
CA GLY B 77 -16.89 -15.63 4.28
C GLY B 77 -17.95 -15.72 5.38
N ASN B 78 -17.51 -15.75 6.63
CA ASN B 78 -18.43 -15.74 7.76
C ASN B 78 -19.22 -14.43 7.86
N THR B 79 -20.53 -14.51 7.65
CA THR B 79 -21.42 -13.33 7.60
C THR B 79 -21.58 -12.66 8.99
N THR B 80 -21.07 -13.30 10.02
CA THR B 80 -21.00 -12.67 11.33
C THR B 80 -20.13 -11.42 11.22
N TYR B 81 -19.08 -11.49 10.38
CA TYR B 81 -18.10 -10.39 10.29
C TYR B 81 -18.02 -9.74 8.92
N TRP B 82 -18.27 -10.51 7.84
CA TRP B 82 -17.96 -10.10 6.46
C TRP B 82 -19.16 -10.17 5.51
N ARG B 83 -19.32 -9.14 4.68
CA ARG B 83 -20.25 -9.15 3.56
C ARG B 83 -19.49 -9.39 2.27
N VAL B 84 -20.08 -10.16 1.34
CA VAL B 84 -19.40 -10.38 0.05
C VAL B 84 -19.95 -9.43 -0.99
N SER B 85 -19.12 -8.60 -1.60
CA SER B 85 -19.63 -7.74 -2.66
C SER B 85 -19.92 -8.59 -3.93
N PRO B 86 -20.71 -8.03 -4.85
CA PRO B 86 -20.99 -8.76 -6.10
C PRO B 86 -19.70 -9.17 -6.83
N GLU B 87 -18.65 -8.37 -6.71
CA GLU B 87 -17.37 -8.66 -7.39
C GLU B 87 -16.49 -9.62 -6.63
N GLY B 88 -16.84 -9.88 -5.37
CA GLY B 88 -16.19 -10.89 -4.56
C GLY B 88 -15.30 -10.35 -3.47
N ALA B 89 -15.42 -9.06 -3.15
CA ALA B 89 -14.70 -8.45 -2.04
C ALA B 89 -15.32 -8.84 -0.71
N LEU B 90 -14.47 -9.08 0.30
CA LEU B 90 -14.97 -9.38 1.62
C LEU B 90 -14.91 -8.08 2.43
N GLU B 91 -16.08 -7.52 2.71
CA GLU B 91 -16.20 -6.22 3.36
C GLU B 91 -16.45 -6.38 4.86
N LEU B 92 -15.60 -5.79 5.71
CA LEU B 92 -15.85 -5.83 7.13
C LEU B 92 -17.16 -5.12 7.43
N LYS B 93 -18.09 -5.80 8.09
CA LYS B 93 -19.37 -5.19 8.41
C LYS B 93 -19.26 -4.08 9.45
N TYR B 94 -20.18 -3.15 9.32
CA TYR B 94 -20.21 -1.91 10.03
C TYR B 94 -19.93 -2.08 11.52
N ARG B 95 -18.89 -1.39 11.96
CA ARG B 95 -18.40 -1.37 13.36
C ARG B 95 -17.96 -2.72 13.96
N MET B 96 -17.77 -3.77 13.15
CA MET B 96 -17.23 -5.01 13.71
C MET B 96 -15.72 -4.82 13.97
N PRO B 97 -15.20 -5.45 15.04
CA PRO B 97 -13.77 -5.30 15.32
C PRO B 97 -12.88 -5.98 14.26
N PRO B 98 -11.99 -5.20 13.61
CA PRO B 98 -11.10 -5.77 12.58
C PRO B 98 -10.36 -7.04 13.03
N SER B 99 -9.73 -7.00 14.20
CA SER B 99 -8.92 -8.14 14.63
C SER B 99 -9.72 -9.41 14.84
N LYS B 100 -10.90 -9.25 15.45
CA LYS B 100 -11.77 -10.36 15.70
C LYS B 100 -12.17 -10.97 14.35
N ALA B 101 -12.50 -10.11 13.39
CA ALA B 101 -13.03 -10.54 12.10
C ALA B 101 -11.96 -11.24 11.27
N ILE B 102 -10.76 -10.68 11.28
CA ILE B 102 -9.63 -11.28 10.58
C ILE B 102 -9.15 -12.59 11.25
N ARG B 103 -9.02 -12.60 12.58
CA ARG B 103 -8.71 -13.84 13.30
C ARG B 103 -9.77 -14.94 13.09
N ASP B 104 -11.02 -14.56 12.83
CA ASP B 104 -12.05 -15.56 12.59
C ASP B 104 -11.73 -16.41 11.35
N ILE B 105 -11.01 -15.82 10.40
CA ILE B 105 -10.58 -16.57 9.22
C ILE B 105 -9.75 -17.78 9.65
N ALA B 106 -8.93 -17.59 10.70
CA ALA B 106 -8.09 -18.66 11.21
C ALA B 106 -8.90 -19.63 12.05
N GLU B 107 -9.93 -19.13 12.73
CA GLU B 107 -10.62 -19.92 13.75
C GLU B 107 -11.87 -20.59 13.19
N ASN B 108 -12.34 -20.12 12.04
CA ASN B 108 -13.49 -20.71 11.36
C ASN B 108 -13.24 -20.83 9.86
N GLY B 109 -12.05 -21.32 9.52
CA GLY B 109 -11.60 -21.45 8.14
C GLY B 109 -12.63 -21.99 7.17
N PRO B 110 -13.29 -23.10 7.51
CA PRO B 110 -14.31 -23.73 6.65
C PRO B 110 -15.41 -22.78 6.15
N PHE B 111 -15.60 -21.66 6.85
CA PHE B 111 -16.62 -20.69 6.47
C PHE B 111 -16.14 -19.71 5.40
N TYR B 112 -14.91 -19.88 4.91
CA TYR B 112 -14.26 -18.93 4.02
C TYR B 112 -13.70 -19.58 2.78
N ALA B 113 -13.78 -18.89 1.65
CA ALA B 113 -12.99 -19.23 0.47
C ALA B 113 -12.66 -17.96 -0.30
N PHE B 114 -11.38 -17.82 -0.67
CA PHE B 114 -10.93 -16.60 -1.37
C PHE B 114 -9.68 -16.87 -2.24
N GLU B 115 -9.25 -15.86 -3.01
CA GLU B 115 -8.08 -15.91 -3.92
C GLU B 115 -6.71 -15.89 -3.21
N CYS B 116 -5.63 -16.20 -3.96
CA CYS B 116 -4.30 -16.31 -3.35
C CYS B 116 -3.73 -14.92 -3.04
N ALA B 117 -4.04 -13.90 -3.83
CA ALA B 117 -3.59 -12.54 -3.44
C ALA B 117 -4.26 -12.09 -2.17
N THR B 118 -5.56 -12.31 -2.10
CA THR B 118 -6.34 -11.98 -0.91
C THR B 118 -5.74 -12.69 0.31
N ALA B 119 -5.33 -13.94 0.12
CA ALA B 119 -4.73 -14.75 1.18
C ALA B 119 -3.45 -14.14 1.75
N ILE B 120 -2.66 -13.52 0.87
CA ILE B 120 -1.42 -12.86 1.30
C ILE B 120 -1.72 -11.66 2.22
N VAL B 121 -2.68 -10.86 1.83
CA VAL B 121 -3.04 -9.72 2.65
C VAL B 121 -3.57 -10.20 3.98
N ILE B 122 -4.38 -11.23 3.96
CA ILE B 122 -4.89 -11.82 5.19
C ILE B 122 -3.74 -12.25 6.08
N ILE B 123 -2.76 -12.91 5.48
CA ILE B 123 -1.59 -13.34 6.24
C ILE B 123 -0.85 -12.11 6.83
N TYR B 124 -0.69 -11.04 6.06
CA TYR B 124 -0.07 -9.86 6.64
C TYR B 124 -0.82 -9.37 7.85
N TYR B 125 -2.15 -9.27 7.75
CA TYR B 125 -2.91 -8.77 8.88
C TYR B 125 -2.82 -9.72 10.07
N LEU B 126 -2.94 -11.03 9.83
CA LEU B 126 -2.83 -11.99 10.94
C LEU B 126 -1.49 -11.84 11.65
N ALA B 127 -0.45 -11.64 10.85
CA ALA B 127 0.91 -11.56 11.43
C ALA B 127 1.03 -10.27 12.23
N LEU B 128 0.47 -9.18 11.71
CA LEU B 128 0.58 -7.91 12.39
C LEU B 128 -0.20 -7.94 13.72
N ILE B 129 -1.41 -8.49 13.68
CA ILE B 129 -2.17 -8.68 14.90
C ILE B 129 -1.36 -9.48 15.92
N ASP B 130 -0.70 -10.56 15.48
CA ASP B 130 0.14 -11.36 16.38
C ASP B 130 1.30 -10.55 16.91
N THR B 131 1.73 -9.54 16.16
CA THR B 131 2.93 -8.80 16.53
C THR B 131 2.66 -7.62 17.48
N ILE B 132 1.56 -6.90 17.25
CA ILE B 132 1.26 -5.68 17.98
C ILE B 132 0.03 -5.81 18.86
N GLY B 133 -0.78 -6.83 18.62
CA GLY B 133 -1.93 -7.09 19.50
C GLY B 133 -3.21 -6.51 18.88
N GLU B 134 -4.35 -7.01 19.34
CA GLU B 134 -5.64 -6.64 18.76
C GLU B 134 -5.95 -5.15 18.94
N ASP B 135 -5.68 -4.64 20.14
CA ASP B 135 -5.96 -3.25 20.47
C ASP B 135 -5.25 -2.23 19.55
N LYS B 136 -3.93 -2.34 19.38
CA LYS B 136 -3.23 -1.44 18.47
C LYS B 136 -3.63 -1.65 17.00
N PHE B 137 -3.84 -2.90 16.61
CA PHE B 137 -4.26 -3.16 15.25
C PHE B 137 -5.61 -2.48 15.01
N ASN B 138 -6.55 -2.66 15.92
CA ASN B 138 -7.89 -2.10 15.70
C ASN B 138 -7.86 -0.57 15.65
N ALA B 139 -6.95 0.01 16.44
CA ALA B 139 -6.84 1.46 16.48
C ALA B 139 -6.35 2.02 15.15
N SER B 140 -5.40 1.34 14.49
CA SER B 140 -4.82 1.86 13.26
C SER B 140 -5.45 1.36 11.96
N PHE B 141 -5.90 0.12 11.94
CA PHE B 141 -6.39 -0.49 10.69
C PHE B 141 -7.87 -0.76 10.89
N ASP B 142 -8.63 0.32 10.97
CA ASP B 142 -9.96 0.34 11.55
C ASP B 142 -11.08 0.05 10.55
N ARG B 143 -10.75 0.15 9.27
CA ARG B 143 -11.65 -0.17 8.16
C ARG B 143 -10.95 -1.18 7.29
N ILE B 144 -11.66 -2.25 6.90
CA ILE B 144 -11.04 -3.34 6.17
C ILE B 144 -11.93 -3.94 5.07
N ILE B 145 -11.35 -4.05 3.89
CA ILE B 145 -11.94 -4.85 2.81
C ILE B 145 -10.82 -5.76 2.23
N LEU B 146 -11.10 -7.07 2.23
CA LEU B 146 -10.20 -8.09 1.72
C LEU B 146 -10.59 -8.43 0.29
N TYR B 147 -9.69 -8.11 -0.65
CA TYR B 147 -10.01 -8.15 -2.09
C TYR B 147 -8.74 -7.96 -2.91
N ASP B 148 -8.26 -9.08 -3.44
CA ASP B 148 -7.10 -9.07 -4.29
C ASP B 148 -5.93 -8.45 -3.51
N TRP B 149 -5.25 -7.47 -4.08
CA TRP B 149 -4.12 -6.81 -3.42
C TRP B 149 -4.49 -5.48 -2.72
N HIS B 150 -5.74 -5.36 -2.24
CA HIS B 150 -6.10 -4.22 -1.43
C HIS B 150 -5.59 -4.37 0.01
N TYR B 151 -4.97 -3.32 0.48
CA TYR B 151 -4.69 -3.25 1.90
C TYR B 151 -4.91 -1.84 2.39
N GLU B 152 -5.24 -1.78 3.67
CA GLU B 152 -5.51 -0.54 4.40
C GLU B 152 -4.20 -0.05 5.05
N LYS B 153 -3.70 1.07 4.56
CA LYS B 153 -2.51 1.76 5.08
C LYS B 153 -1.16 1.01 5.03
N LEU B 154 -1.16 -0.31 4.86
CA LEU B 154 0.10 -1.02 4.96
C LEU B 154 1.13 -0.45 3.97
N PRO B 155 2.38 -0.20 4.45
CA PRO B 155 3.43 0.24 3.53
C PRO B 155 4.17 -1.00 2.94
N ILE B 156 3.86 -1.29 1.68
CA ILE B 156 4.31 -2.51 1.02
C ILE B 156 5.10 -2.07 -0.20
N TYR B 157 6.16 -2.79 -0.52
CA TYR B 157 6.96 -2.43 -1.66
C TYR B 157 7.38 -3.75 -2.32
N THR B 158 7.67 -3.69 -3.61
CA THR B 158 8.21 -4.84 -4.34
C THR B 158 9.54 -4.43 -4.93
N GLU B 159 10.57 -5.26 -4.75
CA GLU B 159 11.89 -4.98 -5.32
C GLU B 159 12.48 -6.18 -6.06
N THR B 160 13.28 -5.84 -7.05
CA THR B 160 13.95 -6.78 -7.93
C THR B 160 15.23 -7.29 -7.26
N GLY B 161 15.43 -8.60 -7.35
CA GLY B 161 16.67 -9.21 -6.90
C GLY B 161 16.46 -10.66 -6.57
N HIS B 162 17.57 -11.37 -6.38
N HIS B 162 17.58 -11.32 -6.30
CA HIS B 162 17.56 -12.80 -6.15
CA HIS B 162 17.64 -12.76 -6.16
C HIS B 162 17.70 -13.17 -4.67
C HIS B 162 17.87 -13.18 -4.70
N HIS B 163 17.96 -12.19 -3.82
CA HIS B 163 18.19 -12.44 -2.40
C HIS B 163 16.88 -12.34 -1.64
N PHE B 164 16.45 -13.47 -1.07
CA PHE B 164 15.17 -13.55 -0.37
C PHE B 164 15.39 -13.82 1.13
N PHE B 165 14.34 -13.55 1.91
CA PHE B 165 14.35 -13.67 3.37
C PHE B 165 13.01 -14.25 3.87
N LEU B 166 13.07 -15.06 4.92
CA LEU B 166 11.86 -15.64 5.49
C LEU B 166 10.79 -14.58 5.65
N GLY B 167 9.56 -14.93 5.28
CA GLY B 167 8.43 -14.02 5.32
C GLY B 167 8.24 -13.25 4.03
N ASP B 168 9.16 -13.36 3.06
CA ASP B 168 8.99 -12.68 1.78
C ASP B 168 7.72 -13.17 1.10
N CYS B 169 7.09 -12.29 0.34
CA CYS B 169 6.07 -12.68 -0.64
C CYS B 169 6.71 -12.70 -2.01
N LEU B 170 6.71 -13.90 -2.62
CA LEU B 170 7.37 -14.16 -3.90
C LEU B 170 6.31 -14.57 -4.94
N TYR B 171 6.75 -14.79 -6.17
CA TYR B 171 5.82 -15.10 -7.25
C TYR B 171 6.43 -16.04 -8.26
N PHE B 172 5.71 -17.13 -8.51
CA PHE B 172 5.98 -18.02 -9.62
C PHE B 172 5.19 -17.61 -10.88
N LYS B 173 5.89 -17.25 -11.93
CA LYS B 173 5.24 -16.83 -13.15
C LYS B 173 5.11 -18.03 -14.09
N ASN B 174 3.94 -18.17 -14.74
CA ASN B 174 3.73 -19.22 -15.75
C ASN B 174 3.46 -18.53 -17.09
N PRO B 175 4.52 -18.14 -17.81
CA PRO B 175 4.34 -17.24 -18.95
C PRO B 175 3.48 -17.80 -20.09
N GLU B 176 3.62 -19.08 -20.41
CA GLU B 176 2.84 -19.65 -21.50
C GLU B 176 1.66 -20.44 -20.91
N PHE B 177 1.00 -19.85 -19.92
CA PHE B 177 -0.16 -20.50 -19.34
C PHE B 177 -1.26 -20.69 -20.39
N ASP B 178 -2.21 -21.54 -20.07
CA ASP B 178 -3.34 -21.84 -20.94
C ASP B 178 -4.31 -20.67 -20.83
N PRO B 179 -4.60 -19.95 -21.95
CA PRO B 179 -5.47 -18.76 -21.85
C PRO B 179 -6.89 -19.06 -21.34
N GLN B 180 -7.38 -20.27 -21.58
CA GLN B 180 -8.70 -20.66 -21.07
C GLN B 180 -8.65 -20.98 -19.56
N LYS B 181 -7.48 -20.78 -18.96
CA LYS B 181 -7.28 -21.01 -17.53
C LYS B 181 -6.32 -19.96 -16.96
N ALA B 182 -6.77 -18.71 -16.96
CA ALA B 182 -5.90 -17.59 -16.59
C ALA B 182 -5.57 -17.62 -15.11
N GLN B 183 -6.29 -18.48 -14.39
CA GLN B 183 -6.04 -18.74 -12.99
C GLN B 183 -4.63 -19.30 -12.76
N TRP B 184 -4.01 -19.83 -13.81
CA TRP B 184 -2.67 -20.43 -13.68
C TRP B 184 -1.56 -19.58 -14.28
N ARG B 185 -1.80 -18.29 -14.51
CA ARG B 185 -0.78 -17.39 -15.05
C ARG B 185 0.43 -17.24 -14.10
N GLY B 186 0.23 -17.61 -12.84
CA GLY B 186 1.32 -17.64 -11.86
C GLY B 186 0.77 -17.87 -10.47
N GLU B 187 1.65 -17.80 -9.46
CA GLU B 187 1.22 -18.04 -8.06
C GLU B 187 1.96 -17.17 -7.03
N ASN B 188 1.23 -16.37 -6.25
CA ASN B 188 1.82 -15.71 -5.09
C ASN B 188 2.07 -16.65 -3.94
N VAL B 189 3.22 -16.52 -3.29
CA VAL B 189 3.57 -17.44 -2.23
C VAL B 189 4.25 -16.71 -1.08
N ILE B 190 4.23 -17.31 0.10
CA ILE B 190 5.04 -16.86 1.22
C ILE B 190 6.20 -17.82 1.40
N LEU B 191 7.40 -17.26 1.57
CA LEU B 191 8.66 -18.01 1.77
C LEU B 191 8.73 -18.41 3.22
N LEU B 192 8.53 -19.70 3.48
CA LEU B 192 8.45 -20.22 4.85
C LEU B 192 9.80 -20.73 5.33
N GLY B 193 10.63 -21.13 4.37
CA GLY B 193 11.92 -21.76 4.65
C GLY B 193 12.66 -21.95 3.35
N GLU B 194 13.82 -22.58 3.42
CA GLU B 194 14.58 -22.75 2.22
C GLU B 194 13.84 -23.68 1.29
N ASP B 195 13.57 -23.19 0.09
CA ASP B 195 12.78 -23.92 -0.90
C ASP B 195 11.47 -24.45 -0.33
N LYS B 196 10.81 -23.64 0.50
CA LYS B 196 9.57 -24.05 1.14
C LYS B 196 8.58 -22.90 1.11
N TYR B 197 7.42 -23.13 0.52
CA TYR B 197 6.47 -22.05 0.23
C TYR B 197 5.05 -22.35 0.70
N PHE B 198 4.38 -21.32 1.19
CA PHE B 198 2.94 -21.37 1.32
C PHE B 198 2.30 -20.88 0.03
N ALA B 199 1.46 -21.72 -0.54
CA ALA B 199 0.78 -21.40 -1.76
C ALA B 199 -0.72 -21.69 -1.59
N HIS B 200 -1.51 -20.66 -1.36
CA HIS B 200 -2.93 -20.83 -1.09
C HIS B 200 -3.66 -21.58 -2.22
N GLY B 201 -4.38 -22.66 -1.88
CA GLY B 201 -5.03 -23.49 -2.88
C GLY B 201 -4.18 -24.68 -3.34
N LEU B 202 -2.86 -24.59 -3.13
CA LEU B 202 -1.93 -25.67 -3.50
C LEU B 202 -1.37 -26.35 -2.26
N GLY B 203 -1.00 -25.55 -1.27
CA GLY B 203 -0.57 -26.06 0.02
C GLY B 203 0.80 -25.54 0.39
N ILE B 204 1.52 -26.34 1.17
CA ILE B 204 2.89 -26.00 1.50
C ILE B 204 3.81 -26.93 0.68
N LEU B 205 4.46 -26.34 -0.33
CA LEU B 205 5.21 -27.09 -1.34
C LEU B 205 6.61 -26.51 -1.57
N ASN B 206 7.48 -27.26 -2.24
CA ASN B 206 8.75 -26.69 -2.67
C ASN B 206 8.60 -26.14 -4.09
N GLY B 207 9.67 -25.54 -4.62
CA GLY B 207 9.63 -24.89 -5.90
C GLY B 207 9.31 -25.79 -7.09
N LYS B 208 9.98 -26.93 -7.14
CA LYS B 208 9.73 -27.87 -8.22
C LYS B 208 8.25 -28.25 -8.28
N GLN B 209 7.67 -28.57 -7.12
CA GLN B 209 6.26 -28.90 -7.04
C GLN B 209 5.41 -27.79 -7.63
N ILE B 210 5.68 -26.55 -7.23
CA ILE B 210 4.89 -25.42 -7.74
C ILE B 210 5.08 -25.24 -9.25
N ILE B 211 6.33 -25.28 -9.69
CA ILE B 211 6.62 -25.11 -11.10
C ILE B 211 5.99 -26.23 -11.95
N ASP B 212 6.02 -27.46 -11.46
CA ASP B 212 5.50 -28.58 -12.24
C ASP B 212 4.00 -28.43 -12.40
N LYS B 213 3.37 -28.05 -11.30
CA LYS B 213 1.92 -27.84 -11.25
C LYS B 213 1.52 -26.74 -12.22
N LEU B 214 2.18 -25.60 -12.13
CA LEU B 214 1.95 -24.55 -13.13
C LEU B 214 2.18 -25.08 -14.55
N ASN B 215 3.31 -25.75 -14.78
CA ASN B 215 3.66 -26.20 -16.13
C ASN B 215 2.64 -27.12 -16.78
N SER B 216 1.73 -27.69 -16.00
CA SER B 216 0.74 -28.63 -16.53
C SER B 216 -0.49 -27.91 -17.10
N PHE B 217 -0.60 -26.62 -16.84
CA PHE B 217 -1.68 -25.80 -17.39
C PHE B 217 -1.15 -24.75 -18.36
N ARG B 218 -0.34 -25.19 -19.31
CA ARG B 218 0.19 -24.30 -20.33
C ARG B 218 -0.51 -24.52 -21.68
N LYS B 219 -0.29 -23.60 -22.62
CA LYS B 219 -0.86 -23.70 -23.95
C LYS B 219 -0.22 -24.84 -24.73
N LYS B 220 -0.91 -25.31 -25.76
CA LYS B 220 -0.40 -26.33 -26.67
C LYS B 220 1.03 -25.99 -27.14
N GLY B 221 1.93 -26.97 -27.07
CA GLY B 221 3.26 -26.79 -27.61
C GLY B 221 4.15 -25.84 -26.83
N ALA B 222 3.69 -25.42 -25.65
CA ALA B 222 4.45 -24.51 -24.82
C ALA B 222 5.81 -25.09 -24.43
N LEU B 223 6.85 -24.28 -24.56
CA LEU B 223 8.22 -24.70 -24.27
C LEU B 223 8.82 -24.00 -23.05
N GLN B 224 8.31 -22.82 -22.71
CA GLN B 224 8.79 -22.07 -21.56
C GLN B 224 8.21 -22.61 -20.26
N SER B 225 9.07 -22.96 -19.33
CA SER B 225 8.64 -23.45 -18.03
C SER B 225 8.27 -22.29 -17.14
N ALA B 226 7.39 -22.54 -16.17
CA ALA B 226 7.16 -21.59 -15.09
C ALA B 226 8.45 -21.41 -14.29
N TYR B 227 8.55 -20.35 -13.52
CA TYR B 227 9.80 -20.10 -12.82
C TYR B 227 9.62 -19.06 -11.75
N LEU B 228 10.55 -19.07 -10.81
CA LEU B 228 10.51 -18.13 -9.69
C LEU B 228 11.01 -16.78 -10.17
N LEU B 229 10.15 -15.76 -10.12
CA LEU B 229 10.54 -14.39 -10.43
C LEU B 229 11.62 -13.90 -9.48
N SER B 230 12.53 -13.08 -9.99
CA SER B 230 13.55 -12.44 -9.14
C SER B 230 13.05 -11.12 -8.58
N GLN B 231 12.14 -11.24 -7.62
CA GLN B 231 11.54 -10.07 -7.00
C GLN B 231 10.97 -10.50 -5.66
N ALA B 232 10.79 -9.55 -4.75
CA ALA B 232 10.18 -9.86 -3.46
C ALA B 232 9.29 -8.72 -3.07
N THR B 233 8.13 -9.07 -2.51
CA THR B 233 7.18 -8.10 -2.01
C THR B 233 7.35 -8.10 -0.50
N ARG B 234 7.53 -6.90 0.07
CA ARG B 234 7.90 -6.75 1.46
C ARG B 234 7.16 -5.61 2.18
N LEU B 235 6.94 -5.79 3.49
CA LEU B 235 6.48 -4.73 4.37
C LEU B 235 7.65 -3.81 4.76
N ASP B 236 7.39 -2.52 4.67
CA ASP B 236 8.38 -1.49 5.04
C ASP B 236 8.28 -1.29 6.57
N VAL B 237 9.21 -1.88 7.27
CA VAL B 237 9.09 -1.99 8.72
C VAL B 237 9.25 -0.63 9.40
N PRO B 238 10.21 0.18 8.94
CA PRO B 238 10.26 1.47 9.63
C PRO B 238 8.97 2.27 9.50
N SER B 239 8.36 2.21 8.32
CA SER B 239 7.12 2.94 8.11
C SER B 239 5.98 2.36 8.92
N LEU B 240 5.94 1.03 9.00
CA LEU B 240 4.90 0.34 9.73
C LEU B 240 5.10 0.56 11.21
N PHE B 241 6.36 0.49 11.67
CA PHE B 241 6.70 0.73 13.07
C PHE B 241 6.17 2.08 13.50
N ARG B 242 6.32 3.06 12.61
CA ARG B 242 5.88 4.42 12.88
C ARG B 242 4.38 4.44 13.15
N ILE B 243 3.58 3.89 12.20
CA ILE B 243 2.10 3.81 12.32
C ILE B 243 1.67 3.29 13.69
N VAL B 244 2.16 2.11 14.03
CA VAL B 244 1.76 1.42 15.24
C VAL B 244 2.49 1.88 16.50
N ARG B 245 3.70 1.35 16.66
CA ARG B 245 4.40 1.30 17.95
C ARG B 245 4.57 2.68 18.56
C1 EDO C . -25.19 -2.43 -11.37
O1 EDO C . -24.57 -2.27 -12.66
C2 EDO C . -25.32 -3.90 -11.04
O2 EDO C . -24.93 -4.07 -9.69
C1 EDO D . 18.06 13.59 -19.09
O1 EDO D . 18.92 13.29 -20.21
C2 EDO D . 16.71 12.92 -19.34
O2 EDO D . 15.82 13.93 -19.82
C1 PGE E . -1.84 10.20 11.41
C1 PGE E . -2.86 9.97 11.33
O1 PGE E . -0.51 10.71 11.42
O1 PGE E . -4.16 9.43 11.16
C2 PGE E . -2.51 10.53 10.08
C2 PGE E . -2.55 10.91 10.19
O2 PGE E . -1.70 10.07 9.02
O2 PGE E . -1.89 10.21 9.16
C3 PGE E . -2.07 10.57 7.76
C3 PGE E . -2.52 10.34 7.91
C4 PGE E . -1.35 9.77 6.69
C4 PGE E . -1.69 9.62 6.87
O4 PGE E . -1.39 5.82 7.16
O4 PGE E . -0.68 5.71 7.01
C6 PGE E . -2.00 6.25 5.96
C6 PGE E . -1.60 6.10 6.01
C5 PGE E . -1.58 7.68 5.67
C5 PGE E . -1.47 7.58 5.75
O3 PGE E . -1.70 8.42 6.85
O3 PGE E . -2.14 8.29 6.77
C1 PEG F . -22.34 -8.00 -10.45
O1 PEG F . -23.62 -8.41 -9.97
C2 PEG F . -21.42 -9.22 -10.51
O2 PEG F . -21.65 -9.90 -11.73
C3 PEG F . -21.03 -11.19 -11.81
C4 PEG F . -21.76 -12.04 -12.85
O4 PEG F . -23.15 -12.17 -12.49
C1 GOL G . 4.86 28.15 -5.45
O1 GOL G . 5.80 28.20 -4.38
C2 GOL G . 3.39 28.37 -4.99
O2 GOL G . 2.52 28.22 -6.10
C3 GOL G . 3.14 29.74 -4.36
O3 GOL G . 2.37 29.59 -3.17
C1 EDO H . 1.52 -7.85 22.03
O1 EDO H . 0.65 -7.20 22.97
C2 EDO H . 0.89 -9.16 21.58
O2 EDO H . 1.91 -10.01 21.05
C1 PGE I . 2.68 -4.38 -3.72
O1 PGE I . 3.36 -3.19 -4.12
C2 PGE I . 2.03 -5.00 -4.94
O2 PGE I . 2.01 -6.41 -4.94
C3 PGE I . 1.98 -6.96 -6.27
C4 PGE I . 2.59 -8.35 -6.31
O4 PGE I . 4.03 -9.71 -10.17
C6 PGE I . 2.85 -10.14 -9.49
C5 PGE I . 3.05 -10.01 -7.99
O3 PGE I . 2.98 -8.64 -7.63
#